data_9NSM
#
_entry.id   9NSM
#
_cell.length_a   158.345
_cell.length_b   92.996
_cell.length_c   42.534
_cell.angle_alpha   90.00
_cell.angle_beta   93.48
_cell.angle_gamma   90.00
#
_symmetry.space_group_name_H-M   'C 1 2 1'
#
loop_
_entity.id
_entity.type
_entity.pdbx_description
1 polymer 'Outer capsid protein VP8*'
2 non-polymer 'SODIUM ION'
3 non-polymer GLYCEROL
4 water water
#
_entity_poly.entity_id   1
_entity_poly.type   'polypeptide(L)'
_entity_poly.pdbx_seq_one_letter_code
;HHHHHHSSGLVPRGSHMTLDGPYQPTSFNPPVNYWMLLAPLNAGVVVEGTNNTNRWLATILVEPGVASTTRTYTLFGIQE
QITVENSSNTKWKFIDLMKTTSSGTYTQHSPLLSEPKLYGIMKHGGQLWTYDGETPNAITNGYSTTNYDSVNMTSFCDFY
IIPRSQESVCTEYINNG
;
_entity_poly.pdbx_strand_id   A,B,C
#
# COMPACT_ATOMS: atom_id res chain seq x y z
N GLY A 9 -38.81 -32.90 19.79
CA GLY A 9 -37.70 -32.51 18.95
C GLY A 9 -37.83 -31.13 18.34
N LEU A 10 -37.25 -30.13 18.99
CA LEU A 10 -37.31 -28.74 18.56
C LEU A 10 -36.06 -28.38 17.76
N VAL A 11 -36.09 -27.24 17.10
CA VAL A 11 -34.96 -26.77 16.32
C VAL A 11 -34.37 -25.55 17.00
N PRO A 12 -33.11 -25.59 17.44
CA PRO A 12 -32.49 -24.41 18.06
C PRO A 12 -32.33 -23.28 17.04
N ARG A 13 -32.48 -22.05 17.53
CA ARG A 13 -32.17 -20.90 16.70
C ARG A 13 -30.67 -20.82 16.44
N HIS A 16 -24.49 -20.73 14.27
CA HIS A 16 -23.20 -20.56 14.94
C HIS A 16 -23.02 -21.54 16.09
N MET A 17 -21.76 -21.85 16.41
CA MET A 17 -21.44 -22.77 17.49
C MET A 17 -21.85 -22.17 18.84
N LEU A 19 -21.87 -19.92 21.92
CA LEU A 19 -20.76 -19.08 22.38
C LEU A 19 -20.34 -19.44 23.81
N ASP A 20 -19.02 -19.49 24.05
CA ASP A 20 -18.48 -19.83 25.35
C ASP A 20 -18.39 -18.55 26.18
N GLY A 21 -19.32 -18.37 27.10
CA GLY A 21 -19.40 -17.16 27.89
C GLY A 21 -20.85 -16.76 28.07
N PRO A 22 -21.10 -15.53 28.53
CA PRO A 22 -20.12 -14.49 28.88
C PRO A 22 -19.45 -14.76 30.22
N TYR A 23 -18.20 -14.33 30.37
CA TYR A 23 -17.44 -14.43 31.61
C TYR A 23 -17.24 -13.04 32.18
N GLN A 24 -17.05 -12.97 33.49
CA GLN A 24 -16.93 -11.69 34.16
C GLN A 24 -15.53 -11.12 33.99
N PRO A 25 -15.37 -9.81 34.12
CA PRO A 25 -14.03 -9.21 34.01
C PRO A 25 -13.05 -9.90 34.94
N THR A 26 -11.84 -10.10 34.47
CA THR A 26 -10.87 -10.82 35.30
C THR A 26 -9.47 -10.61 34.74
N SER A 27 -8.47 -10.99 35.55
CA SER A 27 -7.09 -11.02 35.08
C SER A 27 -6.62 -12.46 35.05
N PHE A 28 -6.07 -12.89 33.93
CA PHE A 28 -5.65 -14.28 33.81
C PHE A 28 -4.64 -14.41 32.67
N ASN A 29 -4.25 -15.66 32.43
CA ASN A 29 -3.29 -16.05 31.41
C ASN A 29 -4.11 -16.80 30.36
N PRO A 30 -4.62 -16.11 29.33
CA PRO A 30 -5.55 -16.77 28.42
C PRO A 30 -4.87 -17.89 27.65
N PRO A 31 -5.62 -18.93 27.28
CA PRO A 31 -5.03 -19.99 26.44
C PRO A 31 -4.67 -19.46 25.06
N VAL A 32 -3.56 -19.94 24.52
CA VAL A 32 -3.27 -19.67 23.11
C VAL A 32 -4.36 -20.31 22.24
N ASN A 33 -4.52 -19.75 21.03
CA ASN A 33 -5.39 -20.29 19.97
C ASN A 33 -6.86 -20.06 20.25
N TYR A 34 -7.18 -19.05 21.07
CA TYR A 34 -8.54 -18.67 21.36
C TYR A 34 -8.67 -17.16 21.29
N TRP A 35 -9.77 -16.70 20.71
CA TRP A 35 -10.14 -15.31 20.75
C TRP A 35 -10.88 -15.00 22.05
N MET A 36 -10.51 -13.90 22.69
CA MET A 36 -11.35 -13.29 23.70
C MET A 36 -12.19 -12.23 23.01
N LEU A 37 -13.50 -12.46 22.94
CA LEU A 37 -14.44 -11.53 22.33
C LEU A 37 -14.98 -10.64 23.44
N LEU A 38 -14.60 -9.37 23.41
CA LEU A 38 -14.86 -8.42 24.48
C LEU A 38 -16.07 -7.57 24.14
N ALA A 39 -16.96 -7.39 25.12
CA ALA A 39 -18.22 -6.66 24.92
C ALA A 39 -18.33 -5.47 25.87
N PRO A 40 -17.47 -4.46 25.73
CA PRO A 40 -17.58 -3.27 26.58
C PRO A 40 -18.84 -2.47 26.29
N LEU A 41 -19.36 -1.84 27.34
CA LEU A 41 -20.60 -1.08 27.25
C LEU A 41 -20.40 0.41 27.30
N ASN A 42 -19.33 0.88 27.93
CA ASN A 42 -19.04 2.29 28.10
C ASN A 42 -17.62 2.59 27.62
N ALA A 43 -17.34 3.86 27.41
CA ALA A 43 -15.98 4.29 27.10
C ALA A 43 -15.05 3.99 28.27
N GLY A 44 -13.77 3.79 27.96
CA GLY A 44 -12.72 3.48 28.92
C GLY A 44 -11.86 2.32 28.45
N VAL A 45 -11.07 1.77 29.38
CA VAL A 45 -10.19 0.65 29.05
C VAL A 45 -11.03 -0.60 28.84
N VAL A 46 -10.66 -1.38 27.82
CA VAL A 46 -11.38 -2.58 27.42
C VAL A 46 -10.60 -3.81 27.84
N VAL A 47 -9.35 -3.90 27.41
CA VAL A 47 -8.51 -5.05 27.68
C VAL A 47 -7.07 -4.57 27.71
N GLU A 48 -6.24 -5.25 28.50
CA GLU A 48 -4.81 -4.93 28.49
C GLU A 48 -4.02 -6.21 28.72
N GLY A 49 -2.81 -6.25 28.18
CA GLY A 49 -1.97 -7.42 28.35
C GLY A 49 -0.51 -7.10 28.15
N THR A 50 0.36 -7.89 28.79
CA THR A 50 1.79 -7.64 28.68
C THR A 50 2.56 -8.95 28.80
N ASN A 51 3.76 -8.98 28.23
CA ASN A 51 4.71 -10.05 28.48
C ASN A 51 5.70 -9.68 29.58
N ASN A 52 5.52 -8.51 30.22
CA ASN A 52 6.34 -7.98 31.29
C ASN A 52 7.79 -7.71 30.89
N THR A 53 8.11 -7.72 29.59
CA THR A 53 9.49 -7.42 29.22
C THR A 53 9.58 -6.33 28.16
N ASN A 54 8.93 -6.49 27.00
CA ASN A 54 9.07 -5.47 25.97
C ASN A 54 7.76 -5.13 25.25
N ARG A 55 6.62 -5.57 25.75
CA ARG A 55 5.36 -5.32 25.04
C ARG A 55 4.25 -5.15 26.06
N TRP A 56 3.62 -3.98 26.06
CA TRP A 56 2.45 -3.69 26.87
C TRP A 56 1.37 -3.13 25.95
N LEU A 57 0.24 -3.81 25.87
CA LEU A 57 -0.85 -3.44 24.98
C LEU A 57 -2.11 -3.21 25.78
N ALA A 58 -2.73 -2.04 25.61
CA ALA A 58 -4.00 -1.73 26.26
C ALA A 58 -4.92 -1.12 25.21
N THR A 59 -6.13 -1.65 25.09
CA THR A 59 -7.11 -1.12 24.14
C THR A 59 -8.11 -0.25 24.87
N ILE A 60 -8.29 0.98 24.41
CA ILE A 60 -9.29 1.86 24.99
C ILE A 60 -10.43 2.04 23.99
N LEU A 61 -11.56 2.52 24.52
CA LEU A 61 -12.80 2.71 23.76
C LEU A 61 -13.25 4.15 23.95
N VAL A 62 -13.48 4.85 22.84
CA VAL A 62 -13.90 6.25 22.81
C VAL A 62 -15.26 6.32 22.13
N GLU A 63 -16.22 6.98 22.77
CA GLU A 63 -17.57 7.10 22.23
C GLU A 63 -17.57 8.05 21.04
N PRO A 64 -18.64 8.05 20.24
CA PRO A 64 -18.63 8.91 19.06
C PRO A 64 -18.65 10.39 19.42
N GLY A 65 -18.11 11.20 18.51
CA GLY A 65 -18.18 12.64 18.62
C GLY A 65 -17.29 13.26 19.66
N VAL A 66 -16.08 12.75 19.84
CA VAL A 66 -15.17 13.24 20.87
C VAL A 66 -14.10 14.09 20.19
N ALA A 67 -14.15 15.40 20.43
CA ALA A 67 -13.08 16.28 20.01
C ALA A 67 -11.81 15.99 20.81
N SER A 68 -10.68 16.39 20.25
CA SER A 68 -9.38 16.10 20.85
C SER A 68 -9.36 16.53 22.31
N THR A 69 -9.03 15.60 23.20
CA THR A 69 -9.14 15.82 24.63
C THR A 69 -8.23 14.83 25.35
N THR A 70 -7.62 15.28 26.44
CA THR A 70 -6.79 14.41 27.27
C THR A 70 -7.66 13.72 28.30
N ARG A 71 -7.66 12.38 28.30
CA ARG A 71 -8.44 11.60 29.25
C ARG A 71 -7.51 10.73 30.08
N THR A 72 -7.98 10.34 31.26
CA THR A 72 -7.17 9.56 32.17
C THR A 72 -7.65 8.11 32.20
N TYR A 73 -6.74 7.17 31.98
CA TYR A 73 -7.05 5.75 32.02
C TYR A 73 -6.12 5.07 33.01
N THR A 74 -6.64 4.12 33.78
CA THR A 74 -5.75 3.30 34.59
C THR A 74 -5.24 2.15 33.72
N LEU A 75 -4.00 2.26 33.27
CA LEU A 75 -3.36 1.27 32.41
C LEU A 75 -2.33 0.51 33.23
N PHE A 76 -2.52 -0.80 33.33
CA PHE A 76 -1.69 -1.64 34.21
C PHE A 76 -1.55 -1.02 35.60
N GLY A 77 -2.68 -0.54 36.16
CA GLY A 77 -2.67 -0.03 37.51
C GLY A 77 -2.08 1.36 37.67
N ILE A 78 -1.65 1.99 36.58
CA ILE A 78 -1.00 3.28 36.59
C ILE A 78 -1.92 4.29 35.94
N GLN A 79 -2.10 5.42 36.59
CA GLN A 79 -2.83 6.54 36.02
C GLN A 79 -2.05 7.09 34.82
N GLU A 80 -2.66 7.09 33.63
CA GLU A 80 -2.01 7.60 32.42
C GLU A 80 -2.89 8.62 31.72
N GLN A 81 -2.27 9.70 31.25
CA GLN A 81 -2.99 10.69 30.45
C GLN A 81 -2.76 10.42 28.97
N ILE A 82 -3.85 10.27 28.22
CA ILE A 82 -3.82 9.97 26.79
C ILE A 82 -4.69 10.98 26.06
N THR A 83 -4.16 11.61 25.02
CA THR A 83 -4.93 12.50 24.19
C THR A 83 -5.66 11.70 23.10
N VAL A 84 -7.00 11.76 23.11
CA VAL A 84 -7.83 10.92 22.26
C VAL A 84 -8.78 11.79 21.44
N GLU A 85 -9.38 11.17 20.43
CA GLU A 85 -10.29 11.86 19.53
C GLU A 85 -11.05 10.80 18.76
N ASN A 86 -12.34 11.05 18.52
CA ASN A 86 -13.14 10.19 17.66
C ASN A 86 -13.95 11.09 16.73
N SER A 87 -13.43 11.35 15.54
CA SER A 87 -14.13 12.22 14.60
C SER A 87 -15.37 11.59 14.00
N SER A 88 -15.63 10.31 14.22
CA SER A 88 -16.88 9.72 13.73
C SER A 88 -18.03 10.16 14.63
N ASN A 89 -19.13 10.54 14.00
CA ASN A 89 -20.34 10.93 14.73
C ASN A 89 -21.28 9.76 14.98
N THR A 90 -21.02 8.60 14.37
CA THR A 90 -21.91 7.47 14.47
C THR A 90 -21.28 6.23 15.11
N LYS A 91 -19.98 6.03 14.99
CA LYS A 91 -19.33 4.82 15.48
C LYS A 91 -18.35 5.12 16.60
N TRP A 92 -18.17 4.14 17.47
CA TRP A 92 -17.19 4.15 18.56
C TRP A 92 -15.80 3.78 18.03
N LYS A 93 -14.76 4.18 18.76
CA LYS A 93 -13.39 3.98 18.30
C LYS A 93 -12.58 3.23 19.37
N PHE A 94 -12.14 2.01 19.03
CA PHE A 94 -11.14 1.29 19.80
C PHE A 94 -9.77 1.75 19.34
N ILE A 95 -8.83 1.91 20.29
CA ILE A 95 -7.47 2.29 19.98
C ILE A 95 -6.52 1.37 20.73
N ASP A 96 -5.59 0.75 20.00
CA ASP A 96 -4.52 -0.01 20.63
C ASP A 96 -3.43 0.94 21.11
N LEU A 97 -3.20 0.95 22.42
CA LEU A 97 -2.14 1.71 23.05
C LEU A 97 -0.97 0.78 23.35
N MET A 98 0.24 1.19 22.99
CA MET A 98 1.41 0.32 23.11
C MET A 98 2.53 1.06 23.83
N LYS A 99 3.19 0.35 24.75
CA LYS A 99 4.46 0.80 25.29
C LYS A 99 5.40 -0.40 25.31
N THR A 100 6.70 -0.13 25.40
CA THR A 100 7.70 -1.19 25.34
C THR A 100 8.52 -1.32 26.60
N THR A 101 8.29 -0.47 27.60
CA THR A 101 8.90 -0.62 28.92
C THR A 101 7.84 -0.34 29.99
N SER A 102 8.13 -0.80 31.21
CA SER A 102 7.16 -0.69 32.28
C SER A 102 6.78 0.76 32.58
N SER A 103 7.66 1.71 32.27
CA SER A 103 7.38 3.12 32.48
C SER A 103 7.38 3.92 31.19
N GLY A 104 7.36 3.25 30.04
CA GLY A 104 7.39 3.96 28.76
C GLY A 104 6.09 4.67 28.46
N THR A 105 6.14 5.49 27.41
CA THR A 105 5.00 6.27 26.96
C THR A 105 4.25 5.51 25.87
N TYR A 106 2.95 5.77 25.79
CA TYR A 106 2.07 5.00 24.92
C TYR A 106 1.94 5.66 23.56
N THR A 107 1.88 4.85 22.52
CA THR A 107 1.59 5.33 21.18
C THR A 107 0.35 4.61 20.67
N GLN A 108 -0.34 5.23 19.71
CA GLN A 108 -1.65 4.76 19.30
C GLN A 108 -1.58 4.01 17.98
N HIS A 109 -2.33 2.91 17.87
CA HIS A 109 -2.18 2.04 16.72
C HIS A 109 -3.50 1.35 16.39
N SER A 110 -3.58 0.90 15.14
CA SER A 110 -4.55 -0.08 14.66
C SER A 110 -5.95 0.16 15.23
N PRO A 111 -6.52 1.35 15.02
CA PRO A 111 -7.86 1.59 15.56
C PRO A 111 -8.89 0.74 14.84
N LEU A 112 -9.99 0.47 15.55
CA LEU A 112 -11.20 -0.13 14.97
C LEU A 112 -12.36 0.81 15.22
N LEU A 113 -12.90 1.39 14.15
CA LEU A 113 -14.14 2.15 14.21
C LEU A 113 -15.33 1.19 14.16
N SER A 114 -16.25 1.28 15.13
CA SER A 114 -17.13 0.15 15.39
C SER A 114 -18.54 0.59 15.75
N GLU A 115 -19.52 -0.05 15.13
CA GLU A 115 -20.91 0.03 15.56
C GLU A 115 -21.23 -1.03 16.61
N PRO A 116 -20.82 -2.30 16.44
CA PRO A 116 -21.17 -3.31 17.44
C PRO A 116 -20.53 -3.12 18.80
N LYS A 117 -19.48 -2.30 18.92
CA LYS A 117 -18.76 -2.11 20.18
C LYS A 117 -18.19 -3.43 20.70
N LEU A 118 -17.70 -4.27 19.79
CA LEU A 118 -17.05 -5.52 20.15
C LEU A 118 -15.60 -5.50 19.70
N TYR A 119 -14.74 -6.17 20.48
CA TYR A 119 -13.32 -6.23 20.20
C TYR A 119 -12.83 -7.65 20.44
N GLY A 120 -11.65 -7.95 19.88
CA GLY A 120 -11.08 -9.26 20.03
C GLY A 120 -9.58 -9.16 20.23
N ILE A 121 -9.05 -10.08 21.04
CA ILE A 121 -7.61 -10.27 21.13
C ILE A 121 -7.30 -11.76 21.27
N MET A 122 -6.18 -12.20 20.66
CA MET A 122 -5.81 -13.61 20.70
C MET A 122 -4.29 -13.75 20.78
N LYS A 123 -3.85 -14.69 21.61
CA LYS A 123 -2.45 -15.11 21.61
C LYS A 123 -2.28 -16.26 20.61
N HIS A 124 -1.51 -16.03 19.54
CA HIS A 124 -1.29 -17.11 18.57
C HIS A 124 0.00 -16.93 17.79
N GLY A 125 0.77 -18.02 17.66
CA GLY A 125 1.83 -18.12 16.68
C GLY A 125 2.98 -17.16 16.87
N GLY A 126 3.11 -16.55 18.05
CA GLY A 126 4.14 -15.56 18.28
C GLY A 126 3.65 -14.13 18.30
N GLN A 127 2.37 -13.85 18.08
CA GLN A 127 1.87 -12.49 18.07
C GLN A 127 0.64 -12.36 18.96
N LEU A 128 0.34 -11.11 19.33
CA LEU A 128 -0.97 -10.74 19.86
C LEU A 128 -1.76 -10.17 18.69
N TRP A 129 -2.92 -10.77 18.43
CA TRP A 129 -3.76 -10.41 17.29
C TRP A 129 -4.94 -9.60 17.79
N THR A 130 -5.24 -8.47 17.13
CA THR A 130 -6.42 -7.66 17.40
C THR A 130 -7.11 -7.31 16.08
N TYR A 131 -8.24 -6.62 16.15
CA TYR A 131 -8.97 -6.24 14.94
C TYR A 131 -8.70 -4.79 14.58
N ASP A 132 -8.88 -4.48 13.29
CA ASP A 132 -8.39 -3.24 12.68
C ASP A 132 -9.33 -2.79 11.58
N GLY A 133 -9.61 -1.49 11.55
CA GLY A 133 -10.31 -0.89 10.43
C GLY A 133 -11.60 -0.19 10.83
N GLU A 134 -12.68 -0.52 10.11
CA GLU A 134 -13.99 0.05 10.36
C GLU A 134 -15.02 -1.02 10.04
N THR A 135 -15.90 -1.31 10.99
CA THR A 135 -16.95 -2.31 10.76
C THR A 135 -17.84 -1.82 9.62
N PRO A 136 -18.46 -2.76 8.85
CA PRO A 136 -18.41 -4.21 9.00
C PRO A 136 -17.22 -4.81 8.25
N ASN A 137 -16.11 -4.07 8.12
CA ASN A 137 -14.98 -4.54 7.33
C ASN A 137 -13.70 -4.77 8.15
N ALA A 138 -13.81 -4.97 9.46
CA ALA A 138 -12.64 -5.23 10.28
C ALA A 138 -11.95 -6.52 9.84
N ILE A 139 -10.62 -6.53 9.87
CA ILE A 139 -9.83 -7.75 9.71
C ILE A 139 -8.78 -7.76 10.82
N THR A 140 -8.06 -8.88 10.94
CA THR A 140 -7.09 -9.05 12.03
C THR A 140 -5.70 -8.57 11.63
N ASN A 141 -4.95 -8.08 12.61
CA ASN A 141 -3.51 -7.97 12.42
C ASN A 141 -2.83 -8.13 13.77
N GLY A 142 -1.53 -8.41 13.72
CA GLY A 142 -0.83 -8.95 14.86
C GLY A 142 0.41 -8.16 15.19
N TYR A 143 0.74 -8.14 16.47
CA TYR A 143 1.95 -7.51 16.98
C TYR A 143 2.90 -8.60 17.44
N SER A 144 4.13 -8.59 16.92
CA SER A 144 5.13 -9.53 17.37
C SER A 144 5.34 -9.41 18.88
N THR A 145 5.26 -10.52 19.61
CA THR A 145 5.26 -10.46 21.06
C THR A 145 6.11 -11.59 21.62
N THR A 146 7.27 -11.24 22.17
CA THR A 146 8.11 -12.20 22.86
C THR A 146 7.31 -12.90 23.97
N ASN A 147 7.48 -14.22 24.07
CA ASN A 147 6.74 -15.03 25.03
C ASN A 147 5.24 -14.80 24.90
N TYR A 148 4.77 -14.77 23.63
CA TYR A 148 3.37 -14.49 23.36
C TYR A 148 2.45 -15.40 24.15
N ASP A 149 2.88 -16.64 24.38
CA ASP A 149 2.01 -17.65 24.97
C ASP A 149 1.80 -17.45 26.46
N SER A 150 2.67 -16.68 27.12
CA SER A 150 2.57 -16.49 28.56
C SER A 150 2.02 -15.12 28.94
N VAL A 151 1.57 -14.32 27.96
CA VAL A 151 1.03 -12.99 28.23
C VAL A 151 -0.12 -13.08 29.22
N ASN A 152 -0.09 -12.23 30.26
CA ASN A 152 -1.22 -12.04 31.17
C ASN A 152 -2.12 -10.94 30.65
N MET A 153 -3.43 -11.13 30.81
CA MET A 153 -4.36 -10.12 30.35
C MET A 153 -5.34 -9.79 31.47
N THR A 154 -5.85 -8.56 31.43
CA THR A 154 -6.97 -8.13 32.24
C THR A 154 -8.08 -7.70 31.29
N SER A 155 -9.25 -8.31 31.45
CA SER A 155 -10.45 -7.84 30.77
C SER A 155 -11.25 -6.96 31.72
N PHE A 156 -11.64 -5.78 31.25
CA PHE A 156 -12.45 -4.85 32.04
C PHE A 156 -13.92 -4.91 31.67
N CYS A 157 -14.35 -5.92 30.94
CA CYS A 157 -15.73 -6.05 30.48
C CYS A 157 -16.04 -7.53 30.40
N ASP A 158 -17.33 -7.85 30.28
CA ASP A 158 -17.67 -9.25 30.07
C ASP A 158 -17.09 -9.71 28.72
N PHE A 159 -16.79 -11.00 28.62
CA PHE A 159 -16.19 -11.47 27.38
C PHE A 159 -16.54 -12.93 27.11
N TYR A 160 -16.29 -13.35 25.88
CA TYR A 160 -16.55 -14.71 25.43
C TYR A 160 -15.24 -15.29 24.92
N ILE A 161 -15.18 -16.62 24.85
CA ILE A 161 -14.01 -17.35 24.37
C ILE A 161 -14.40 -18.10 23.12
N ILE A 162 -13.61 -17.95 22.05
CA ILE A 162 -13.92 -18.59 20.76
C ILE A 162 -12.67 -19.26 20.23
N PRO A 163 -12.70 -20.54 19.87
CA PRO A 163 -11.48 -21.19 19.35
C PRO A 163 -11.09 -20.61 17.99
N ARG A 164 -9.81 -20.73 17.68
CA ARG A 164 -9.29 -20.13 16.46
C ARG A 164 -9.96 -20.71 15.23
N SER A 165 -10.42 -21.97 15.30
CA SER A 165 -11.11 -22.57 14.15
C SER A 165 -12.37 -21.79 13.80
N GLN A 166 -13.00 -21.17 14.80
CA GLN A 166 -14.20 -20.37 14.60
C GLN A 166 -13.88 -18.90 14.39
N GLU A 167 -12.67 -18.58 13.94
CA GLU A 167 -12.27 -17.17 13.81
C GLU A 167 -13.22 -16.42 12.88
N SER A 168 -13.68 -17.09 11.81
CA SER A 168 -14.62 -16.45 10.91
C SER A 168 -15.89 -16.02 11.63
N VAL A 169 -16.34 -16.80 12.62
CA VAL A 169 -17.48 -16.42 13.44
C VAL A 169 -17.12 -15.22 14.32
N CYS A 170 -15.97 -15.27 15.00
CA CYS A 170 -15.52 -14.12 15.78
C CYS A 170 -15.51 -12.86 14.93
N THR A 171 -14.90 -12.92 13.75
CA THR A 171 -14.88 -11.77 12.83
C THR A 171 -16.30 -11.30 12.49
N GLU A 172 -17.20 -12.25 12.25
CA GLU A 172 -18.58 -11.87 11.99
C GLU A 172 -19.16 -11.06 13.15
N TYR A 173 -18.91 -11.52 14.38
CA TYR A 173 -19.42 -10.80 15.55
C TYR A 173 -18.80 -9.42 15.67
N ILE A 174 -17.48 -9.33 15.54
CA ILE A 174 -16.79 -8.04 15.53
C ILE A 174 -17.50 -7.08 14.58
N ASN A 175 -17.82 -7.55 13.39
CA ASN A 175 -18.28 -6.68 12.33
C ASN A 175 -19.77 -6.42 12.36
N ASN A 176 -20.56 -7.26 13.02
CA ASN A 176 -22.01 -7.12 12.96
C ASN A 176 -22.72 -7.20 14.30
N GLY A 177 -22.00 -7.45 15.39
CA GLY A 177 -22.62 -7.52 16.71
C GLY A 177 -23.15 -8.91 16.98
N GLY B 9 45.53 2.78 5.69
CA GLY B 9 45.44 3.33 7.04
C GLY B 9 44.14 4.07 7.29
N LEU B 10 43.15 3.81 6.46
CA LEU B 10 41.85 4.44 6.62
C LEU B 10 40.93 3.57 7.47
N VAL B 11 39.85 4.18 7.93
CA VAL B 11 38.86 3.49 8.76
C VAL B 11 37.50 3.63 8.08
N PRO B 12 36.90 2.54 7.62
CA PRO B 12 35.60 2.66 6.94
C PRO B 12 34.55 3.18 7.92
N ARG B 13 33.66 4.01 7.40
CA ARG B 13 32.47 4.37 8.17
C ARG B 13 31.60 3.13 8.32
N GLY B 14 31.15 2.88 9.55
CA GLY B 14 30.24 1.79 9.83
C GLY B 14 29.10 1.69 8.84
N SER B 15 28.50 0.50 8.70
CA SER B 15 27.60 0.21 7.59
C SER B 15 26.14 -0.02 8.03
N HIS B 16 25.77 0.34 9.25
CA HIS B 16 24.41 0.05 9.68
C HIS B 16 23.39 1.03 9.11
N MET B 17 23.76 2.30 8.94
CA MET B 17 22.87 3.32 8.38
C MET B 17 23.21 3.67 6.94
N THR B 18 23.92 2.80 6.21
CA THR B 18 24.10 2.94 4.77
C THR B 18 23.20 1.90 4.10
N LEU B 19 22.14 2.37 3.44
CA LEU B 19 21.11 1.49 2.90
C LEU B 19 21.60 0.73 1.68
N ASP B 20 20.92 -0.37 1.39
CA ASP B 20 21.06 -1.06 0.11
C ASP B 20 20.04 -0.45 -0.86
N GLY B 21 20.52 0.31 -1.83
CA GLY B 21 19.63 0.97 -2.75
C GLY B 21 20.03 2.41 -2.96
N PRO B 22 19.12 3.22 -3.55
CA PRO B 22 17.75 2.89 -3.97
C PRO B 22 17.69 2.09 -5.26
N TYR B 23 16.61 1.36 -5.45
CA TYR B 23 16.36 0.56 -6.64
C TYR B 23 15.15 1.11 -7.37
N GLN B 24 15.05 0.81 -8.65
CA GLN B 24 13.97 1.37 -9.44
C GLN B 24 12.72 0.51 -9.31
N PRO B 25 11.55 1.06 -9.64
CA PRO B 25 10.31 0.28 -9.52
C PRO B 25 10.40 -1.04 -10.28
N THR B 26 9.72 -2.05 -9.76
CA THR B 26 9.98 -3.40 -10.23
C THR B 26 8.85 -4.30 -9.78
N SER B 27 8.69 -5.42 -10.48
CA SER B 27 7.86 -6.53 -10.02
C SER B 27 8.78 -7.72 -9.78
N PHE B 28 8.81 -8.21 -8.55
CA PHE B 28 9.66 -9.37 -8.28
C PHE B 28 9.12 -10.12 -7.06
N ASN B 29 9.83 -11.18 -6.70
CA ASN B 29 9.52 -12.02 -5.55
C ASN B 29 10.53 -11.70 -4.46
N PRO B 30 10.25 -10.74 -3.58
CA PRO B 30 11.28 -10.29 -2.64
C PRO B 30 11.69 -11.41 -1.72
N PRO B 31 12.95 -11.41 -1.25
CA PRO B 31 13.37 -12.45 -0.31
C PRO B 31 12.71 -12.26 1.05
N VAL B 32 12.45 -13.38 1.73
CA VAL B 32 11.96 -13.27 3.11
C VAL B 32 13.04 -12.62 3.98
N ASN B 33 12.60 -12.04 5.09
CA ASN B 33 13.46 -11.43 6.10
C ASN B 33 14.22 -10.23 5.57
N TYR B 34 13.64 -9.53 4.59
CA TYR B 34 14.17 -8.25 4.13
C TYR B 34 13.03 -7.25 4.10
N TRP B 35 13.28 -6.07 4.63
CA TRP B 35 12.35 -4.96 4.49
C TRP B 35 12.56 -4.29 3.13
N MET B 36 11.46 -4.06 2.41
CA MET B 36 11.46 -3.09 1.32
C MET B 36 11.06 -1.75 1.91
N LEU B 37 12.00 -0.82 1.94
CA LEU B 37 11.76 0.54 2.41
C LEU B 37 11.39 1.37 1.19
N LEU B 38 10.11 1.70 1.06
CA LEU B 38 9.57 2.36 -0.12
C LEU B 38 9.58 3.87 0.08
N ALA B 39 10.06 4.61 -0.93
CA ALA B 39 10.22 6.06 -0.82
C ALA B 39 9.42 6.77 -1.91
N PRO B 40 8.09 6.73 -1.84
CA PRO B 40 7.28 7.46 -2.83
C PRO B 40 7.38 8.97 -2.61
N LEU B 41 7.32 9.71 -3.72
CA LEU B 41 7.28 11.16 -3.66
C LEU B 41 5.92 11.76 -3.98
N ASN B 42 5.02 10.99 -4.59
CA ASN B 42 3.71 11.49 -4.96
C ASN B 42 2.62 10.53 -4.50
N ALA B 43 1.41 11.05 -4.38
CA ALA B 43 0.25 10.22 -4.04
C ALA B 43 0.01 9.19 -5.15
N GLY B 44 -0.57 8.05 -4.76
CA GLY B 44 -0.90 6.95 -5.65
C GLY B 44 -0.58 5.61 -4.99
N VAL B 45 -0.53 4.56 -5.80
CA VAL B 45 -0.19 3.23 -5.30
C VAL B 45 1.30 3.18 -5.00
N VAL B 46 1.65 2.65 -3.82
CA VAL B 46 3.03 2.58 -3.35
C VAL B 46 3.60 1.19 -3.63
N VAL B 47 2.92 0.16 -3.13
CA VAL B 47 3.35 -1.22 -3.29
C VAL B 47 2.11 -2.10 -3.28
N GLU B 48 2.22 -3.26 -3.91
CA GLU B 48 1.16 -4.25 -3.84
C GLU B 48 1.76 -5.65 -3.92
N GLY B 49 1.10 -6.60 -3.27
CA GLY B 49 1.57 -7.97 -3.24
C GLY B 49 0.42 -8.90 -2.97
N THR B 50 0.50 -10.11 -3.54
CA THR B 50 -0.58 -11.07 -3.38
C THR B 50 0.00 -12.48 -3.40
N ASN B 51 -0.74 -13.40 -2.79
CA ASN B 51 -0.49 -14.82 -2.93
C ASN B 51 -1.41 -15.46 -3.97
N ASN B 52 -2.28 -14.68 -4.59
CA ASN B 52 -3.17 -15.09 -5.67
C ASN B 52 -4.27 -16.02 -5.19
N THR B 53 -4.40 -16.25 -3.89
CA THR B 53 -5.44 -17.15 -3.41
C THR B 53 -6.34 -16.48 -2.37
N ASN B 54 -5.78 -16.00 -1.26
CA ASN B 54 -6.65 -15.44 -0.23
C ASN B 54 -6.14 -14.15 0.38
N ARG B 55 -5.12 -13.51 -0.19
CA ARG B 55 -4.73 -12.22 0.35
C ARG B 55 -4.17 -11.32 -0.75
N TRP B 56 -4.76 -10.14 -0.89
CA TRP B 56 -4.28 -9.10 -1.78
C TRP B 56 -4.10 -7.85 -0.94
N LEU B 57 -2.88 -7.30 -0.94
CA LEU B 57 -2.54 -6.10 -0.18
C LEU B 57 -1.95 -5.06 -1.15
N ALA B 58 -2.55 -3.87 -1.18
CA ALA B 58 -2.01 -2.74 -1.94
C ALA B 58 -2.06 -1.51 -1.05
N THR B 59 -0.90 -0.90 -0.84
CA THR B 59 -0.81 0.31 -0.04
C THR B 59 -0.87 1.53 -0.94
N ILE B 60 -1.76 2.46 -0.63
CA ILE B 60 -1.85 3.71 -1.37
C ILE B 60 -1.41 4.86 -0.46
N LEU B 61 -1.01 5.96 -1.09
CA LEU B 61 -0.55 7.15 -0.37
C LEU B 61 -1.45 8.32 -0.75
N VAL B 62 -1.94 9.04 0.26
CA VAL B 62 -2.82 10.18 0.07
C VAL B 62 -2.14 11.41 0.69
N GLU B 63 -2.08 12.50 -0.07
CA GLU B 63 -1.41 13.72 0.35
C GLU B 63 -2.21 14.42 1.45
N PRO B 64 -1.63 15.40 2.14
CA PRO B 64 -2.37 16.10 3.20
C PRO B 64 -3.58 16.89 2.68
N GLY B 65 -4.56 17.08 3.56
CA GLY B 65 -5.69 17.94 3.32
C GLY B 65 -6.59 17.46 2.20
N VAL B 66 -6.96 16.19 2.23
CA VAL B 66 -7.78 15.60 1.19
C VAL B 66 -9.15 15.29 1.79
N ALA B 67 -10.16 16.03 1.34
CA ALA B 67 -11.53 15.77 1.74
C ALA B 67 -12.02 14.47 1.09
N SER B 68 -12.97 13.81 1.76
CA SER B 68 -13.47 12.53 1.28
C SER B 68 -13.81 12.60 -0.19
N THR B 69 -13.28 11.65 -0.96
CA THR B 69 -13.35 11.71 -2.41
C THR B 69 -13.05 10.32 -2.98
N THR B 70 -13.63 10.03 -4.13
CA THR B 70 -13.36 8.77 -4.80
C THR B 70 -12.23 8.97 -5.79
N ARG B 71 -11.19 8.16 -5.68
CA ARG B 71 -10.07 8.16 -6.61
C ARG B 71 -9.98 6.79 -7.28
N THR B 72 -9.28 6.71 -8.39
CA THR B 72 -9.11 5.43 -9.06
C THR B 72 -7.64 5.04 -9.01
N TYR B 73 -7.39 3.75 -8.85
CA TYR B 73 -6.05 3.21 -8.77
C TYR B 73 -6.02 1.91 -9.56
N THR B 74 -4.89 1.64 -10.19
CA THR B 74 -4.67 0.34 -10.83
C THR B 74 -4.10 -0.59 -9.77
N LEU B 75 -4.94 -1.49 -9.26
CA LEU B 75 -4.55 -2.45 -8.24
C LEU B 75 -4.48 -3.82 -8.89
N PHE B 76 -3.29 -4.41 -8.89
CA PHE B 76 -3.03 -5.67 -9.59
C PHE B 76 -3.55 -5.63 -11.02
N GLY B 77 -3.27 -4.53 -11.71
CA GLY B 77 -3.63 -4.42 -13.12
C GLY B 77 -5.07 -4.06 -13.39
N ILE B 78 -5.88 -3.86 -12.36
CA ILE B 78 -7.33 -3.65 -12.51
C ILE B 78 -7.69 -2.26 -12.02
N GLN B 79 -8.49 -1.55 -12.80
CA GLN B 79 -9.01 -0.25 -12.40
C GLN B 79 -9.94 -0.38 -11.20
N GLU B 80 -9.65 0.35 -10.12
CA GLU B 80 -10.43 0.26 -8.88
C GLU B 80 -10.78 1.65 -8.38
N GLN B 81 -12.04 1.84 -7.97
CA GLN B 81 -12.44 3.09 -7.33
C GLN B 81 -12.39 2.90 -5.81
N ILE B 82 -11.73 3.84 -5.12
CA ILE B 82 -11.57 3.79 -3.67
C ILE B 82 -11.92 5.16 -3.12
N THR B 83 -12.77 5.21 -2.12
CA THR B 83 -13.08 6.48 -1.45
C THR B 83 -12.08 6.70 -0.32
N VAL B 84 -11.37 7.82 -0.38
CA VAL B 84 -10.26 8.06 0.52
C VAL B 84 -10.41 9.45 1.12
N GLU B 85 -9.75 9.66 2.24
CA GLU B 85 -9.61 11.00 2.79
C GLU B 85 -8.41 11.01 3.71
N ASN B 86 -7.89 12.21 3.93
CA ASN B 86 -6.77 12.43 4.85
C ASN B 86 -7.05 13.76 5.54
N SER B 87 -7.57 13.71 6.77
CA SER B 87 -7.93 14.93 7.48
C SER B 87 -6.71 15.69 8.00
N SER B 88 -5.52 15.13 7.91
CA SER B 88 -4.33 15.82 8.39
C SER B 88 -3.92 16.88 7.39
N ASN B 89 -3.62 18.08 7.89
CA ASN B 89 -3.20 19.15 6.99
C ASN B 89 -1.69 19.23 6.84
N THR B 90 -0.94 18.33 7.49
CA THR B 90 0.52 18.38 7.41
C THR B 90 1.17 17.05 7.06
N LYS B 91 0.53 15.93 7.36
CA LYS B 91 1.14 14.63 7.16
C LYS B 91 0.44 13.85 6.07
N TRP B 92 1.19 12.98 5.42
CA TRP B 92 0.66 12.13 4.35
C TRP B 92 0.13 10.84 4.96
N LYS B 93 -0.78 10.19 4.26
CA LYS B 93 -1.49 9.04 4.83
C LYS B 93 -1.32 7.82 3.93
N PHE B 94 -0.57 6.83 4.42
CA PHE B 94 -0.54 5.51 3.82
C PHE B 94 -1.73 4.72 4.30
N ILE B 95 -2.31 3.93 3.40
CA ILE B 95 -3.47 3.09 3.72
C ILE B 95 -3.25 1.71 3.12
N ASP B 96 -3.46 0.67 3.92
CA ASP B 96 -3.39 -0.70 3.41
C ASP B 96 -4.77 -1.06 2.89
N LEU B 97 -4.87 -1.32 1.58
CA LEU B 97 -6.10 -1.81 0.98
C LEU B 97 -6.02 -3.32 0.87
N MET B 98 -7.08 -4.00 1.29
CA MET B 98 -7.05 -5.45 1.48
C MET B 98 -8.30 -6.10 0.89
N LYS B 99 -8.09 -7.23 0.24
CA LYS B 99 -9.19 -8.13 -0.07
C LYS B 99 -8.65 -9.55 0.09
N THR B 100 -9.58 -10.48 0.30
CA THR B 100 -9.21 -11.85 0.58
C THR B 100 -9.81 -12.81 -0.43
N THR B 101 -10.46 -12.29 -1.47
CA THR B 101 -10.95 -13.09 -2.57
C THR B 101 -10.59 -12.35 -3.86
N SER B 102 -10.52 -13.12 -4.96
CA SER B 102 -10.05 -12.59 -6.23
C SER B 102 -10.93 -11.48 -6.76
N SER B 103 -12.20 -11.45 -6.38
CA SER B 103 -13.14 -10.45 -6.85
C SER B 103 -13.86 -9.77 -5.70
N GLY B 104 -13.28 -9.84 -4.49
CA GLY B 104 -13.82 -9.10 -3.37
C GLY B 104 -13.52 -7.63 -3.48
N THR B 105 -14.10 -6.88 -2.56
CA THR B 105 -13.93 -5.43 -2.52
C THR B 105 -12.83 -5.08 -1.53
N TYR B 106 -12.09 -4.01 -1.84
CA TYR B 106 -10.98 -3.60 -1.02
C TYR B 106 -11.49 -2.83 0.21
N THR B 107 -10.92 -3.13 1.37
CA THR B 107 -11.24 -2.40 2.59
C THR B 107 -9.96 -1.83 3.18
N GLN B 108 -10.10 -0.79 4.00
CA GLN B 108 -8.98 0.06 4.42
C GLN B 108 -8.48 -0.32 5.81
N HIS B 109 -7.16 -0.33 5.98
CA HIS B 109 -6.61 -0.85 7.22
C HIS B 109 -5.28 -0.20 7.56
N SER B 110 -4.99 -0.22 8.86
CA SER B 110 -3.65 0.03 9.37
C SER B 110 -2.97 1.24 8.72
N PRO B 111 -3.56 2.43 8.82
CA PRO B 111 -2.96 3.58 8.15
C PRO B 111 -1.69 4.02 8.85
N LEU B 112 -0.83 4.69 8.08
CA LEU B 112 0.37 5.31 8.64
C LEU B 112 0.38 6.78 8.25
N LEU B 113 0.15 7.65 9.23
CA LEU B 113 0.23 9.09 9.02
C LEU B 113 1.69 9.48 9.14
N SER B 114 2.25 10.07 8.08
CA SER B 114 3.70 10.08 7.92
C SER B 114 4.19 11.44 7.46
N GLU B 115 5.20 11.95 8.15
CA GLU B 115 5.94 13.09 7.61
C GLU B 115 7.05 12.64 6.66
N PRO B 116 7.87 11.62 6.98
CA PRO B 116 8.97 11.25 6.06
C PRO B 116 8.52 10.67 4.74
N LYS B 117 7.27 10.23 4.63
CA LYS B 117 6.75 9.64 3.40
C LYS B 117 7.49 8.35 3.03
N LEU B 118 7.83 7.56 4.04
CA LEU B 118 8.43 6.24 3.82
C LEU B 118 7.50 5.15 4.34
N TYR B 119 7.51 4.02 3.62
CA TYR B 119 6.72 2.85 3.98
C TYR B 119 7.63 1.62 3.97
N GLY B 120 7.19 0.57 4.64
CA GLY B 120 7.95 -0.67 4.64
C GLY B 120 7.04 -1.86 4.51
N ILE B 121 7.51 -2.89 3.81
CA ILE B 121 6.81 -4.17 3.74
C ILE B 121 7.83 -5.30 3.74
N MET B 122 7.52 -6.38 4.49
CA MET B 122 8.45 -7.49 4.67
C MET B 122 7.70 -8.81 4.76
N LYS B 123 8.23 -9.83 4.09
CA LYS B 123 7.74 -11.20 4.20
C LYS B 123 8.52 -11.91 5.29
N HIS B 124 7.84 -12.35 6.35
CA HIS B 124 8.55 -12.99 7.45
C HIS B 124 7.60 -13.80 8.31
N GLY B 125 8.01 -15.03 8.64
CA GLY B 125 7.39 -15.79 9.71
C GLY B 125 5.95 -16.19 9.48
N GLY B 126 5.44 -16.04 8.26
CA GLY B 126 4.05 -16.36 7.99
C GLY B 126 3.18 -15.15 7.76
N GLN B 127 3.72 -13.95 7.93
CA GLN B 127 2.96 -12.73 7.75
C GLN B 127 3.62 -11.83 6.71
N LEU B 128 2.81 -10.94 6.15
CA LEU B 128 3.30 -9.71 5.52
C LEU B 128 3.24 -8.62 6.58
N TRP B 129 4.38 -7.95 6.82
CA TRP B 129 4.51 -6.95 7.86
C TRP B 129 4.57 -5.57 7.22
N THR B 130 3.78 -4.63 7.74
CA THR B 130 3.88 -3.22 7.35
C THR B 130 3.99 -2.36 8.62
N TYR B 131 3.96 -1.04 8.48
CA TYR B 131 4.05 -0.12 9.61
C TYR B 131 2.71 0.56 9.82
N ASP B 132 2.46 0.95 11.08
CA ASP B 132 1.15 1.37 11.54
C ASP B 132 1.26 2.50 12.54
N GLY B 133 0.39 3.50 12.38
CA GLY B 133 0.24 4.53 13.38
C GLY B 133 0.50 5.91 12.87
N GLU B 134 1.34 6.67 13.57
CA GLU B 134 1.68 8.01 13.15
C GLU B 134 3.14 8.26 13.49
N THR B 135 3.91 8.73 12.50
CA THR B 135 5.31 9.01 12.77
C THR B 135 5.41 10.13 13.79
N PRO B 136 6.45 10.15 14.64
CA PRO B 136 7.62 9.27 14.69
C PRO B 136 7.38 8.07 15.58
N ASN B 137 6.15 7.62 15.69
CA ASN B 137 5.80 6.58 16.64
C ASN B 137 5.23 5.33 15.97
N ALA B 138 5.53 5.13 14.69
CA ALA B 138 5.07 3.96 13.96
C ALA B 138 5.71 2.68 14.49
N ILE B 139 4.92 1.60 14.56
CA ILE B 139 5.46 0.28 14.86
C ILE B 139 4.97 -0.71 13.82
N THR B 140 5.54 -1.91 13.83
CA THR B 140 5.14 -2.90 12.83
C THR B 140 3.90 -3.66 13.27
N ASN B 141 3.14 -4.13 12.28
CA ASN B 141 2.20 -5.21 12.58
C ASN B 141 1.90 -5.96 11.29
N GLY B 142 1.39 -7.17 11.46
CA GLY B 142 1.49 -8.18 10.41
C GLY B 142 0.15 -8.81 10.11
N TYR B 143 0.01 -9.20 8.84
CA TYR B 143 -1.18 -9.87 8.33
C TYR B 143 -0.81 -11.31 8.04
N SER B 144 -1.51 -12.24 8.66
CA SER B 144 -1.30 -13.66 8.38
C SER B 144 -1.52 -13.92 6.89
N THR B 145 -0.57 -14.60 6.24
CA THR B 145 -0.64 -14.75 4.79
C THR B 145 -0.21 -16.15 4.37
N THR B 146 -1.12 -16.90 3.76
CA THR B 146 -0.77 -18.22 3.24
C THR B 146 0.28 -18.07 2.15
N ASN B 147 1.32 -18.90 2.22
CA ASN B 147 2.43 -18.86 1.25
C ASN B 147 3.08 -17.48 1.23
N TYR B 148 3.14 -16.85 2.41
CA TYR B 148 3.74 -15.53 2.55
C TYR B 148 5.10 -15.43 1.83
N ASP B 149 5.88 -16.51 1.87
CA ASP B 149 7.26 -16.45 1.40
C ASP B 149 7.36 -16.36 -0.12
N SER B 150 6.34 -16.79 -0.86
CA SER B 150 6.37 -16.71 -2.30
C SER B 150 5.54 -15.55 -2.86
N VAL B 151 5.13 -14.61 -2.01
CA VAL B 151 4.29 -13.48 -2.44
C VAL B 151 5.06 -12.60 -3.42
N ASN B 152 4.46 -12.34 -4.57
CA ASN B 152 5.03 -11.44 -5.57
C ASN B 152 4.63 -10.01 -5.27
N MET B 153 5.57 -9.09 -5.44
CA MET B 153 5.26 -7.69 -5.20
C MET B 153 5.63 -6.82 -6.37
N THR B 154 4.89 -5.72 -6.50
CA THR B 154 5.26 -4.62 -7.39
C THR B 154 5.46 -3.39 -6.53
N SER B 155 6.63 -2.76 -6.66
CA SER B 155 6.91 -1.46 -6.09
C SER B 155 6.78 -0.40 -7.19
N PHE B 156 5.96 0.61 -6.94
CA PHE B 156 5.74 1.68 -7.92
C PHE B 156 6.66 2.88 -7.69
N CYS B 157 7.54 2.80 -6.70
CA CYS B 157 8.44 3.90 -6.37
C CYS B 157 9.85 3.32 -6.18
N ASP B 158 10.83 4.20 -5.98
CA ASP B 158 12.16 3.71 -5.65
C ASP B 158 12.13 3.10 -4.25
N PHE B 159 13.00 2.13 -4.01
CA PHE B 159 12.97 1.47 -2.72
C PHE B 159 14.37 1.00 -2.31
N TYR B 160 14.53 0.78 -1.01
CA TYR B 160 15.76 0.22 -0.47
C TYR B 160 15.43 -1.14 0.13
N ILE B 161 16.48 -1.93 0.37
CA ILE B 161 16.36 -3.24 0.98
C ILE B 161 17.16 -3.21 2.28
N ILE B 162 16.53 -3.66 3.37
CA ILE B 162 17.15 -3.64 4.70
C ILE B 162 16.95 -5.03 5.32
N PRO B 163 17.99 -5.71 5.79
CA PRO B 163 17.77 -7.02 6.41
C PRO B 163 16.95 -6.91 7.69
N ARG B 164 16.15 -7.94 7.97
CA ARG B 164 15.39 -7.96 9.22
C ARG B 164 16.29 -7.76 10.43
N SER B 165 17.53 -8.28 10.36
CA SER B 165 18.46 -8.10 11.47
C SER B 165 18.76 -6.64 11.75
N GLN B 166 18.47 -5.75 10.81
CA GLN B 166 18.60 -4.32 11.04
C GLN B 166 17.25 -3.62 11.00
N GLU B 167 16.20 -4.32 11.42
CA GLU B 167 14.86 -3.74 11.42
C GLU B 167 14.79 -2.45 12.22
N SER B 168 15.57 -2.34 13.31
CA SER B 168 15.57 -1.12 14.11
C SER B 168 15.95 0.08 13.25
N VAL B 169 16.86 -0.11 12.29
CA VAL B 169 17.25 0.96 11.39
C VAL B 169 16.10 1.34 10.47
N CYS B 170 15.45 0.34 9.87
CA CYS B 170 14.30 0.60 9.03
C CYS B 170 13.22 1.38 9.79
N THR B 171 12.96 0.97 11.04
CA THR B 171 11.96 1.66 11.84
C THR B 171 12.35 3.11 12.08
N GLU B 172 13.64 3.34 12.37
CA GLU B 172 14.16 4.69 12.52
C GLU B 172 13.88 5.53 11.26
N TYR B 173 14.07 4.95 10.09
CA TYR B 173 13.84 5.67 8.84
C TYR B 173 12.35 5.93 8.61
N ILE B 174 11.51 4.94 8.88
CA ILE B 174 10.06 5.16 8.77
C ILE B 174 9.65 6.35 9.60
N ASN B 175 10.21 6.46 10.81
CA ASN B 175 9.74 7.47 11.73
C ASN B 175 10.43 8.81 11.58
N ASN B 176 11.64 8.85 11.02
CA ASN B 176 12.42 10.07 11.01
C ASN B 176 12.99 10.48 9.66
N GLY B 177 12.89 9.64 8.64
CA GLY B 177 13.36 9.99 7.30
C GLY B 177 14.81 9.63 7.03
N GLY C 9 -13.89 -23.49 -34.23
CA GLY C 9 -15.33 -23.26 -34.22
C GLY C 9 -15.71 -21.81 -34.02
N LEU C 10 -15.23 -21.23 -32.91
CA LEU C 10 -15.52 -19.84 -32.58
C LEU C 10 -14.59 -18.89 -33.32
N VAL C 11 -15.14 -17.74 -33.73
CA VAL C 11 -14.40 -16.71 -34.44
C VAL C 11 -14.11 -15.57 -33.46
N PRO C 12 -12.84 -15.27 -33.16
CA PRO C 12 -12.56 -14.13 -32.29
C PRO C 12 -13.01 -12.82 -32.92
N ARG C 13 -13.38 -11.89 -32.06
CA ARG C 13 -13.57 -10.50 -32.47
C ARG C 13 -12.25 -9.79 -32.18
N GLY C 14 -11.57 -9.32 -33.23
CA GLY C 14 -10.23 -8.78 -33.08
C GLY C 14 -9.20 -9.87 -32.87
N SER C 15 -8.04 -9.47 -32.33
CA SER C 15 -6.97 -10.43 -32.17
C SER C 15 -6.07 -10.17 -30.96
N HIS C 16 -6.53 -9.42 -29.96
CA HIS C 16 -5.68 -9.10 -28.81
C HIS C 16 -5.22 -10.35 -28.06
N MET C 17 -5.92 -11.48 -28.21
CA MET C 17 -5.55 -12.68 -27.46
C MET C 17 -4.23 -13.28 -27.94
N THR C 18 -3.74 -12.92 -29.12
CA THR C 18 -2.45 -13.39 -29.62
C THR C 18 -1.28 -12.57 -29.09
N LEU C 19 -1.54 -11.47 -28.36
CA LEU C 19 -0.48 -10.60 -27.85
C LEU C 19 0.39 -11.32 -26.83
N ASP C 20 1.65 -10.91 -26.78
CA ASP C 20 2.60 -11.45 -25.81
C ASP C 20 2.55 -10.59 -24.56
N GLY C 21 1.79 -11.07 -23.56
CA GLY C 21 1.59 -10.35 -22.33
C GLY C 21 0.20 -10.60 -21.79
N PRO C 22 -0.26 -9.77 -20.84
CA PRO C 22 0.42 -8.59 -20.31
C PRO C 22 1.46 -8.90 -19.23
N TYR C 23 2.46 -8.05 -19.13
CA TYR C 23 3.48 -8.12 -18.08
C TYR C 23 3.29 -7.00 -17.08
N GLN C 24 3.76 -7.24 -15.85
CA GLN C 24 3.60 -6.31 -14.74
C GLN C 24 4.65 -5.21 -14.81
N PRO C 25 4.37 -4.05 -14.17
CA PRO C 25 5.34 -2.94 -14.18
C PRO C 25 6.74 -3.39 -13.79
N THR C 26 7.73 -2.88 -14.52
CA THR C 26 9.08 -3.41 -14.43
C THR C 26 10.08 -2.34 -14.82
N SER C 27 11.31 -2.49 -14.31
CA SER C 27 12.48 -1.77 -14.78
C SER C 27 13.43 -2.79 -15.42
N PHE C 28 13.74 -2.61 -16.70
CA PHE C 28 14.64 -3.55 -17.35
C PHE C 28 15.23 -2.91 -18.61
N ASN C 29 16.06 -3.69 -19.30
CA ASN C 29 16.77 -3.26 -20.50
C ASN C 29 16.10 -3.96 -21.68
N PRO C 30 15.06 -3.37 -22.27
CA PRO C 30 14.32 -4.09 -23.30
C PRO C 30 15.21 -4.39 -24.50
N PRO C 31 14.94 -5.48 -25.20
CA PRO C 31 15.71 -5.76 -26.42
C PRO C 31 15.31 -4.81 -27.54
N VAL C 32 16.24 -4.56 -28.46
CA VAL C 32 15.91 -3.68 -29.58
C VAL C 32 14.91 -4.34 -30.52
N ASN C 33 14.29 -3.52 -31.37
CA ASN C 33 13.33 -3.94 -32.37
C ASN C 33 12.12 -4.66 -31.77
N TYR C 34 11.74 -4.27 -30.55
CA TYR C 34 10.48 -4.69 -29.96
C TYR C 34 9.73 -3.47 -29.44
N TRP C 35 8.44 -3.40 -29.77
CA TRP C 35 7.54 -2.42 -29.20
C TRP C 35 7.06 -2.89 -27.84
N MET C 36 7.13 -2.00 -26.86
CA MET C 36 6.39 -2.17 -25.61
C MET C 36 5.04 -1.49 -25.79
N LEU C 37 3.97 -2.28 -25.87
CA LEU C 37 2.61 -1.75 -25.97
C LEU C 37 2.12 -1.49 -24.55
N LEU C 38 2.02 -0.21 -24.19
CA LEU C 38 1.76 0.20 -22.82
C LEU C 38 0.28 0.43 -22.64
N ALA C 39 -0.29 -0.15 -21.58
CA ALA C 39 -1.73 -0.08 -21.34
C ALA C 39 -2.03 0.53 -19.97
N PRO C 40 -1.71 1.80 -19.76
CA PRO C 40 -2.04 2.44 -18.48
C PRO C 40 -3.53 2.72 -18.35
N LEU C 41 -4.04 2.61 -17.11
CA LEU C 41 -5.45 2.82 -16.83
C LEU C 41 -5.75 4.18 -16.18
N ASN C 42 -4.74 4.85 -15.62
CA ASN C 42 -4.92 6.11 -14.90
C ASN C 42 -3.86 7.11 -15.33
N ALA C 43 -4.13 8.38 -15.03
CA ALA C 43 -3.17 9.45 -15.28
C ALA C 43 -1.94 9.26 -14.41
N GLY C 44 -0.79 9.70 -14.93
CA GLY C 44 0.47 9.60 -14.24
C GLY C 44 1.59 9.24 -15.20
N VAL C 45 2.74 8.86 -14.65
CA VAL C 45 3.85 8.48 -15.51
C VAL C 45 3.58 7.10 -16.08
N VAL C 46 3.81 6.95 -17.38
CA VAL C 46 3.55 5.71 -18.11
C VAL C 46 4.80 4.89 -18.28
N VAL C 47 5.86 5.53 -18.79
CA VAL C 47 7.12 4.84 -19.07
C VAL C 47 8.19 5.91 -19.10
N GLU C 48 9.43 5.50 -18.80
CA GLU C 48 10.57 6.42 -18.88
C GLU C 48 11.81 5.60 -19.24
N GLY C 49 12.75 6.23 -19.93
CA GLY C 49 14.01 5.60 -20.27
C GLY C 49 15.09 6.64 -20.49
N THR C 50 16.33 6.27 -20.20
CA THR C 50 17.43 7.21 -20.38
C THR C 50 18.70 6.46 -20.83
N ASN C 51 19.58 7.18 -21.54
CA ASN C 51 20.92 6.66 -21.80
C ASN C 51 21.93 7.18 -20.78
N ASN C 52 21.47 7.95 -19.79
CA ASN C 52 22.23 8.47 -18.65
C ASN C 52 23.26 9.53 -19.04
N THR C 53 23.25 9.99 -20.28
CA THR C 53 24.22 10.98 -20.73
C THR C 53 23.54 12.23 -21.26
N ASN C 54 22.69 12.11 -22.28
CA ASN C 54 22.11 13.31 -22.89
C ASN C 54 20.65 13.14 -23.27
N ARG C 55 19.97 12.08 -22.83
CA ARG C 55 18.61 11.81 -23.29
C ARG C 55 17.81 11.13 -22.17
N TRP C 56 16.85 11.86 -21.61
CA TRP C 56 15.93 11.34 -20.59
C TRP C 56 14.52 11.53 -21.11
N LEU C 57 13.84 10.42 -21.42
CA LEU C 57 12.50 10.45 -22.02
C LEU C 57 11.50 9.87 -21.02
N ALA C 58 10.48 10.65 -20.67
CA ALA C 58 9.42 10.17 -19.78
C ALA C 58 8.07 10.52 -20.39
N THR C 59 7.20 9.54 -20.52
CA THR C 59 5.86 9.78 -21.02
C THR C 59 4.87 9.86 -19.87
N ILE C 60 4.09 10.93 -19.84
CA ILE C 60 3.00 11.06 -18.88
C ILE C 60 1.68 10.94 -19.62
N LEU C 61 0.63 10.69 -18.85
CA LEU C 61 -0.73 10.53 -19.34
C LEU C 61 -1.61 11.52 -18.60
N VAL C 62 -2.40 12.29 -19.35
CA VAL C 62 -3.31 13.28 -18.78
C VAL C 62 -4.72 12.93 -19.23
N GLU C 63 -5.63 12.78 -18.26
CA GLU C 63 -7.01 12.43 -18.52
C GLU C 63 -7.75 13.59 -19.17
N PRO C 64 -8.92 13.34 -19.76
CA PRO C 64 -9.65 14.41 -20.46
C PRO C 64 -10.14 15.49 -19.50
N GLY C 65 -10.34 16.68 -20.06
CA GLY C 65 -10.96 17.77 -19.32
C GLY C 65 -10.10 18.38 -18.23
N VAL C 66 -8.80 18.51 -18.45
CA VAL C 66 -7.87 19.01 -17.45
C VAL C 66 -7.48 20.43 -17.85
N ALA C 67 -7.89 21.41 -17.04
CA ALA C 67 -7.42 22.77 -17.26
C ALA C 67 -5.93 22.88 -16.98
N SER C 68 -5.30 23.88 -17.59
CA SER C 68 -3.88 24.13 -17.37
C SER C 68 -3.55 24.14 -15.88
N THR C 69 -2.64 23.29 -15.47
CA THR C 69 -2.31 23.17 -14.06
C THR C 69 -0.94 22.53 -13.93
N THR C 70 -0.27 22.81 -12.81
CA THR C 70 1.02 22.19 -12.56
C THR C 70 0.81 20.90 -11.78
N ARG C 71 1.25 19.77 -12.34
CA ARG C 71 1.21 18.52 -11.61
C ARG C 71 2.63 18.09 -11.28
N THR C 72 2.78 17.25 -10.25
CA THR C 72 4.09 16.71 -9.90
C THR C 72 4.16 15.23 -10.26
N TYR C 73 5.32 14.81 -10.78
CA TYR C 73 5.56 13.46 -11.23
C TYR C 73 6.94 13.04 -10.74
N THR C 74 7.11 11.75 -10.46
CA THR C 74 8.42 11.23 -10.10
C THR C 74 9.08 10.74 -11.38
N LEU C 75 10.01 11.53 -11.89
CA LEU C 75 10.67 11.28 -13.16
C LEU C 75 12.11 10.90 -12.85
N PHE C 76 12.49 9.67 -13.20
CA PHE C 76 13.81 9.12 -12.89
C PHE C 76 14.13 9.28 -11.41
N GLY C 77 13.12 9.03 -10.58
CA GLY C 77 13.27 9.09 -9.14
C GLY C 77 13.27 10.48 -8.54
N ILE C 78 13.02 11.51 -9.34
CA ILE C 78 13.14 12.90 -8.90
C ILE C 78 11.78 13.56 -9.00
N GLN C 79 11.41 14.31 -7.97
CA GLN C 79 10.15 15.06 -7.98
C GLN C 79 10.24 16.17 -9.02
N GLU C 80 9.28 16.22 -9.95
CA GLU C 80 9.29 17.21 -11.04
C GLU C 80 7.92 17.87 -11.15
N GLN C 81 7.91 19.20 -11.24
CA GLN C 81 6.69 19.94 -11.54
C GLN C 81 6.59 20.12 -13.04
N ILE C 82 5.42 19.79 -13.60
CA ILE C 82 5.18 19.91 -15.03
C ILE C 82 3.82 20.56 -15.22
N THR C 83 3.75 21.58 -16.07
CA THR C 83 2.48 22.21 -16.39
C THR C 83 1.81 21.42 -17.53
N VAL C 84 0.60 20.94 -17.28
CA VAL C 84 -0.10 20.08 -18.24
C VAL C 84 -1.49 20.64 -18.49
N GLU C 85 -2.10 20.10 -19.53
CA GLU C 85 -3.45 20.49 -19.92
C GLU C 85 -3.94 19.46 -20.93
N ASN C 86 -5.25 19.17 -20.88
CA ASN C 86 -5.87 18.35 -21.91
C ASN C 86 -7.30 18.86 -22.06
N SER C 87 -7.52 19.70 -23.06
CA SER C 87 -8.84 20.28 -23.25
C SER C 87 -9.83 19.32 -23.90
N SER C 88 -9.41 18.09 -24.22
CA SER C 88 -10.33 17.14 -24.83
C SER C 88 -11.41 16.70 -23.84
N ASN C 89 -12.60 16.43 -24.37
CA ASN C 89 -13.65 15.86 -23.53
C ASN C 89 -13.61 14.34 -23.50
N THR C 90 -12.97 13.70 -24.48
CA THR C 90 -13.09 12.25 -24.65
C THR C 90 -11.75 11.54 -24.75
N LYS C 91 -10.71 12.21 -25.22
CA LYS C 91 -9.43 11.55 -25.47
C LYS C 91 -8.41 11.86 -24.38
N TRP C 92 -7.64 10.85 -24.00
CA TRP C 92 -6.55 11.02 -23.07
C TRP C 92 -5.32 11.47 -23.83
N LYS C 93 -4.42 12.19 -23.16
CA LYS C 93 -3.25 12.77 -23.83
C LYS C 93 -1.98 12.17 -23.25
N PHE C 94 -1.21 11.49 -24.10
CA PHE C 94 0.17 11.13 -23.76
C PHE C 94 1.09 12.28 -24.18
N ILE C 95 2.04 12.61 -23.32
CA ILE C 95 3.00 13.68 -23.59
C ILE C 95 4.40 13.12 -23.36
N ASP C 96 5.28 13.24 -24.34
CA ASP C 96 6.68 12.89 -24.14
C ASP C 96 7.40 14.05 -23.47
N LEU C 97 7.94 13.82 -22.28
CA LEU C 97 8.76 14.80 -21.57
C LEU C 97 10.23 14.48 -21.82
N MET C 98 11.01 15.51 -22.11
CA MET C 98 12.40 15.32 -22.49
C MET C 98 13.28 16.29 -21.73
N LYS C 99 14.29 15.76 -21.05
CA LYS C 99 15.37 16.58 -20.54
C LYS C 99 16.65 16.03 -21.14
N THR C 100 17.64 16.90 -21.32
CA THR C 100 18.86 16.48 -22.01
C THR C 100 20.10 16.57 -21.11
N THR C 101 19.96 17.00 -19.86
CA THR C 101 21.03 16.93 -18.86
C THR C 101 20.45 16.30 -17.61
N SER C 102 21.34 15.79 -16.75
CA SER C 102 20.89 15.10 -15.55
C SER C 102 20.04 15.99 -14.66
N SER C 103 20.33 17.29 -14.62
CA SER C 103 19.59 18.21 -13.77
C SER C 103 18.70 19.16 -14.56
N GLY C 104 18.48 18.90 -15.85
CA GLY C 104 17.79 19.85 -16.70
C GLY C 104 16.29 19.83 -16.51
N THR C 105 15.63 20.79 -17.16
CA THR C 105 14.18 20.88 -17.19
C THR C 105 13.64 20.08 -18.36
N TYR C 106 12.33 19.86 -18.33
CA TYR C 106 11.64 19.02 -19.30
C TYR C 106 10.90 19.89 -20.31
N THR C 107 11.10 19.60 -21.57
CA THR C 107 10.26 20.13 -22.63
C THR C 107 9.28 19.05 -23.08
N GLN C 108 8.21 19.46 -23.74
CA GLN C 108 7.09 18.56 -24.08
C GLN C 108 7.06 18.33 -25.58
N HIS C 109 6.89 17.07 -25.98
CA HIS C 109 7.06 16.65 -27.36
C HIS C 109 6.04 15.59 -27.72
N SER C 110 5.81 15.44 -29.02
CA SER C 110 5.20 14.25 -29.59
C SER C 110 3.98 13.75 -28.81
N PRO C 111 2.99 14.61 -28.57
CA PRO C 111 1.79 14.13 -27.86
C PRO C 111 1.01 13.15 -28.70
N LEU C 112 0.30 12.24 -28.01
CA LEU C 112 -0.69 11.36 -28.62
C LEU C 112 -2.03 11.60 -27.92
N LEU C 113 -3.01 12.10 -28.67
CA LEU C 113 -4.37 12.20 -28.16
C LEU C 113 -5.08 10.89 -28.52
N SER C 114 -5.59 10.19 -27.50
CA SER C 114 -5.84 8.76 -27.65
C SER C 114 -7.17 8.39 -27.03
N GLU C 115 -7.99 7.71 -27.82
CA GLU C 115 -9.20 7.11 -27.30
C GLU C 115 -8.90 5.79 -26.60
N PRO C 116 -8.06 4.90 -27.14
CA PRO C 116 -7.83 3.60 -26.48
C PRO C 116 -6.89 3.63 -25.29
N LYS C 117 -6.20 4.74 -25.02
CA LYS C 117 -5.27 4.85 -23.90
C LYS C 117 -4.11 3.86 -24.00
N LEU C 118 -3.68 3.57 -25.23
CA LEU C 118 -2.53 2.70 -25.44
C LEU C 118 -1.39 3.54 -26.00
N TYR C 119 -0.17 3.20 -25.59
CA TYR C 119 1.02 3.89 -26.05
C TYR C 119 2.07 2.84 -26.40
N GLY C 120 3.18 3.29 -26.97
CA GLY C 120 4.23 2.37 -27.35
C GLY C 120 5.57 3.05 -27.32
N ILE C 121 6.60 2.29 -26.97
CA ILE C 121 7.98 2.77 -27.03
C ILE C 121 8.84 1.62 -27.56
N MET C 122 9.88 1.97 -28.32
CA MET C 122 10.74 0.96 -28.93
C MET C 122 12.14 1.52 -29.07
N LYS C 123 13.13 0.66 -28.85
CA LYS C 123 14.51 0.94 -29.19
C LYS C 123 14.79 0.38 -30.58
N HIS C 124 15.20 1.23 -31.52
CA HIS C 124 15.49 0.73 -32.86
C HIS C 124 16.29 1.73 -33.67
N GLY C 125 17.35 1.24 -34.33
CA GLY C 125 18.06 2.02 -35.33
C GLY C 125 18.64 3.32 -34.83
N GLY C 126 19.23 3.31 -33.65
CA GLY C 126 19.83 4.49 -33.07
C GLY C 126 18.86 5.47 -32.45
N GLN C 127 17.60 5.12 -32.29
CA GLN C 127 16.60 6.04 -31.82
C GLN C 127 15.70 5.37 -30.78
N LEU C 128 14.97 6.21 -30.04
CA LEU C 128 13.84 5.79 -29.21
C LEU C 128 12.56 6.23 -29.90
N TRP C 129 11.61 5.32 -30.04
CA TRP C 129 10.40 5.58 -30.82
C TRP C 129 9.18 5.56 -29.92
N THR C 130 8.31 6.56 -30.09
CA THR C 130 6.98 6.57 -29.48
C THR C 130 5.97 6.85 -30.58
N TYR C 131 4.70 6.97 -30.20
CA TYR C 131 3.63 7.33 -31.11
C TYR C 131 3.21 8.78 -30.88
N ASP C 132 2.66 9.40 -31.93
CA ASP C 132 2.10 10.73 -31.75
C ASP C 132 1.05 11.00 -32.82
N GLY C 133 0.35 12.12 -32.62
CA GLY C 133 -0.79 12.46 -33.44
C GLY C 133 -2.07 12.29 -32.67
N GLU C 134 -3.12 11.78 -33.32
CA GLU C 134 -4.40 11.57 -32.67
C GLU C 134 -4.99 10.29 -33.24
N THR C 135 -5.49 9.43 -32.36
CA THR C 135 -6.19 8.25 -32.84
C THR C 135 -7.41 8.71 -33.65
N PRO C 136 -7.82 7.96 -34.68
CA PRO C 136 -7.28 6.67 -35.14
C PRO C 136 -6.19 6.77 -36.20
N ASN C 137 -5.48 7.88 -36.41
CA ASN C 137 -4.46 7.90 -37.47
C ASN C 137 -3.11 8.38 -36.93
N ALA C 138 -2.73 7.82 -35.77
CA ALA C 138 -1.45 8.13 -35.14
C ALA C 138 -0.30 7.42 -35.85
N ILE C 139 0.89 8.03 -35.76
CA ILE C 139 2.10 7.56 -36.44
C ILE C 139 3.23 7.41 -35.42
N THR C 140 4.37 6.90 -35.87
CA THR C 140 5.50 6.78 -34.96
C THR C 140 6.43 7.99 -35.09
N ASN C 141 7.27 8.18 -34.07
CA ASN C 141 8.12 9.35 -33.98
C ASN C 141 9.40 8.96 -33.25
N GLY C 142 10.55 9.38 -33.78
CA GLY C 142 11.83 8.93 -33.28
C GLY C 142 12.69 10.03 -32.70
N TYR C 143 13.44 9.70 -31.65
CA TYR C 143 14.42 10.60 -31.05
C TYR C 143 15.80 9.97 -31.18
N SER C 144 16.73 10.70 -31.77
CA SER C 144 18.11 10.22 -31.88
C SER C 144 18.73 10.09 -30.51
N THR C 145 19.22 8.88 -30.18
CA THR C 145 19.68 8.59 -28.83
C THR C 145 21.01 7.86 -28.89
N THR C 146 22.06 8.50 -28.36
CA THR C 146 23.35 7.84 -28.16
C THR C 146 23.16 6.59 -27.31
N ASN C 147 23.81 5.49 -27.72
CA ASN C 147 23.71 4.20 -27.02
C ASN C 147 22.26 3.77 -26.86
N TYR C 148 21.45 3.98 -27.91
CA TYR C 148 20.04 3.66 -27.86
C TYR C 148 19.78 2.23 -27.38
N ASP C 149 20.68 1.30 -27.70
CA ASP C 149 20.40 -0.12 -27.50
C ASP C 149 20.53 -0.56 -26.04
N SER C 150 21.21 0.23 -25.20
CA SER C 150 21.36 -0.12 -23.80
C SER C 150 20.49 0.75 -22.89
N VAL C 151 19.53 1.47 -23.44
CA VAL C 151 18.64 2.28 -22.61
C VAL C 151 17.84 1.40 -21.68
N ASN C 152 17.90 1.69 -20.40
CA ASN C 152 17.03 1.02 -19.43
C ASN C 152 15.72 1.78 -19.34
N MET C 153 14.62 1.04 -19.21
CA MET C 153 13.30 1.64 -19.15
C MET C 153 12.54 1.14 -17.92
N THR C 154 11.66 2.00 -17.41
CA THR C 154 10.69 1.63 -16.39
C THR C 154 9.29 1.83 -16.96
N SER C 155 8.53 0.74 -17.09
CA SER C 155 7.10 0.83 -17.34
C SER C 155 6.36 0.82 -16.01
N PHE C 156 5.56 1.85 -15.77
CA PHE C 156 4.75 1.96 -14.57
C PHE C 156 3.37 1.33 -14.73
N CYS C 157 3.10 0.73 -15.88
CA CYS C 157 1.80 0.13 -16.15
C CYS C 157 2.00 -1.26 -16.71
N ASP C 158 0.91 -2.00 -16.87
CA ASP C 158 1.01 -3.27 -17.56
C ASP C 158 1.30 -3.05 -19.05
N PHE C 159 2.04 -3.99 -19.66
CA PHE C 159 2.43 -3.80 -21.04
C PHE C 159 2.54 -5.14 -21.75
N TYR C 160 2.48 -5.08 -23.09
CA TYR C 160 2.72 -6.23 -23.96
C TYR C 160 3.97 -5.97 -24.80
N ILE C 161 4.44 -7.01 -25.47
CA ILE C 161 5.62 -6.91 -26.33
C ILE C 161 5.23 -7.35 -27.73
N ILE C 162 5.57 -6.53 -28.73
CA ILE C 162 5.25 -6.80 -30.12
C ILE C 162 6.52 -6.57 -30.93
N PRO C 163 7.05 -7.57 -31.64
CA PRO C 163 8.27 -7.35 -32.41
C PRO C 163 8.03 -6.34 -33.54
N ARG C 164 9.11 -5.69 -33.94
CA ARG C 164 9.03 -4.62 -34.93
C ARG C 164 8.40 -5.09 -36.24
N SER C 165 8.64 -6.35 -36.63
CA SER C 165 8.05 -6.88 -37.85
C SER C 165 6.52 -6.94 -37.78
N GLN C 166 5.93 -6.83 -36.60
CA GLN C 166 4.48 -6.70 -36.48
C GLN C 166 4.08 -5.29 -36.09
N GLU C 167 4.83 -4.29 -36.57
CA GLU C 167 4.53 -2.92 -36.19
C GLU C 167 3.16 -2.48 -36.67
N SER C 168 2.70 -2.98 -37.82
CA SER C 168 1.37 -2.56 -38.25
C SER C 168 0.30 -3.06 -37.31
N VAL C 169 0.55 -4.20 -36.66
CA VAL C 169 -0.34 -4.68 -35.61
C VAL C 169 -0.28 -3.77 -34.39
N CYS C 170 0.92 -3.36 -33.98
CA CYS C 170 1.04 -2.44 -32.86
C CYS C 170 0.31 -1.13 -33.17
N THR C 171 0.53 -0.59 -34.36
CA THR C 171 -0.12 0.66 -34.75
C THR C 171 -1.64 0.51 -34.80
N GLU C 172 -2.13 -0.64 -35.23
CA GLU C 172 -3.57 -0.88 -35.24
C GLU C 172 -4.14 -0.83 -33.81
N TYR C 173 -3.44 -1.44 -32.86
CA TYR C 173 -3.87 -1.37 -31.45
C TYR C 173 -3.82 0.07 -30.93
N ILE C 174 -2.72 0.77 -31.19
CA ILE C 174 -2.61 2.18 -30.79
C ILE C 174 -3.85 2.95 -31.19
N ASN C 175 -4.27 2.79 -32.44
CA ASN C 175 -5.33 3.62 -32.99
C ASN C 175 -6.73 3.12 -32.70
N ASN C 176 -6.89 1.83 -32.40
CA ASN C 176 -8.22 1.24 -32.34
C ASN C 176 -8.51 0.45 -31.06
N GLY C 177 -7.51 0.08 -30.27
CA GLY C 177 -7.74 -0.64 -29.03
C GLY C 177 -7.56 -2.15 -29.12
#